data_9GFZ
#
_entry.id   9GFZ
#
_cell.length_a   52.980
_cell.length_b   59.840
_cell.length_c   61.240
_cell.angle_alpha   99.905
_cell.angle_beta   105.750
_cell.angle_gamma   119.799
#
_symmetry.space_group_name_H-M   'P 1'
#
loop_
_entity.id
_entity.type
_entity.pdbx_description
1 polymer 'LysM domain receptor-like kinase 3'
2 non-polymer 'PHOSPHOAMINOPHOSPHONIC ACID-ADENYLATE ESTER'
3 water water
#
_entity_poly.entity_id   1
_entity_poly.type   'polypeptide(L)'
_entity_poly.pdbx_seq_one_letter_code
;IMVAKSTEFTYQELAKATNNFSLDNKIGQGGFGAVYYAELRGEKTAIKKMDVQASSEFLCELKVLTHVHHLNLVRLIGYC
VEGSLFLVYEHIDNGNLGQYLHGIGTEPLPWSSRVQIALDSARGLEYIHEHTVPVYIHRDVKSANILIDKNLRGKVANFG
LTKLIEVGNSTLHTRLVGTFGYMPPEYAQYGDVSPKIDVYAFGVVLYELITAKNAVLKTGESVAESKGLVQLFEEALHRM
DPLEGLRKLVDPRLKENYPIDSVLKMAQLGRACTRDNPLLRPSMRSIVVALMTLSS
;
_entity_poly.pdbx_strand_id   A,B
#
# COMPACT_ATOMS: atom_id res chain seq x y z
N ILE A 1 -23.34 0.52 6.71
CA ILE A 1 -23.19 1.20 5.43
C ILE A 1 -22.90 0.19 4.33
N MET A 2 -22.16 0.63 3.31
CA MET A 2 -21.80 -0.22 2.17
C MET A 2 -20.54 -1.01 2.48
N VAL A 3 -20.58 -2.31 2.20
CA VAL A 3 -19.40 -3.16 2.29
C VAL A 3 -18.78 -3.43 0.93
N ALA A 4 -19.59 -3.51 -0.14
CA ALA A 4 -19.01 -3.70 -1.46
C ALA A 4 -18.17 -2.50 -1.87
N LYS A 5 -17.15 -2.75 -2.69
CA LYS A 5 -16.23 -1.71 -3.12
C LYS A 5 -16.60 -1.08 -4.45
N SER A 6 -16.87 -1.90 -5.48
CA SER A 6 -17.23 -1.42 -6.80
C SER A 6 -18.65 -1.87 -7.13
N THR A 7 -19.30 -1.13 -8.03
CA THR A 7 -20.62 -1.45 -8.52
C THR A 7 -20.61 -1.51 -10.04
N GLU A 8 -21.23 -2.54 -10.60
CA GLU A 8 -21.32 -2.69 -12.05
C GLU A 8 -22.58 -1.95 -12.51
N PHE A 9 -22.38 -0.75 -13.05
CA PHE A 9 -23.49 0.04 -13.55
C PHE A 9 -24.08 -0.59 -14.81
N THR A 10 -25.25 -0.11 -15.19
CA THR A 10 -25.90 -0.49 -16.44
C THR A 10 -25.83 0.67 -17.42
N TYR A 11 -25.95 0.34 -18.71
CA TYR A 11 -25.89 1.37 -19.74
C TYR A 11 -27.03 2.36 -19.62
N GLN A 12 -28.24 1.85 -19.33
CA GLN A 12 -29.39 2.74 -19.18
C GLN A 12 -29.23 3.66 -17.98
N GLU A 13 -28.56 3.20 -16.92
CA GLU A 13 -28.37 4.04 -15.75
C GLU A 13 -27.36 5.16 -16.02
N LEU A 14 -26.33 4.88 -16.81
CA LEU A 14 -25.35 5.91 -17.13
C LEU A 14 -25.91 6.93 -18.11
N ALA A 15 -26.72 6.47 -19.07
CA ALA A 15 -27.27 7.39 -20.07
C ALA A 15 -28.25 8.37 -19.43
N LYS A 16 -29.01 7.92 -18.43
CA LYS A 16 -29.98 8.81 -17.79
C LYS A 16 -29.29 9.91 -16.99
N ALA A 17 -28.18 9.58 -16.32
CA ALA A 17 -27.47 10.55 -15.51
C ALA A 17 -26.68 11.56 -16.35
N THR A 18 -26.46 11.28 -17.64
CA THR A 18 -25.69 12.17 -18.51
C THR A 18 -26.51 12.70 -19.67
N ASN A 19 -27.84 12.62 -19.58
CA ASN A 19 -28.74 13.08 -20.65
C ASN A 19 -28.42 12.37 -21.97
N ASN A 20 -28.31 11.04 -21.89
CA ASN A 20 -27.94 10.20 -23.05
C ASN A 20 -26.61 10.65 -23.64
N PHE A 21 -25.63 10.90 -22.77
CA PHE A 21 -24.28 11.31 -23.15
C PHE A 21 -24.31 12.56 -24.03
N SER A 22 -24.93 13.61 -23.48
CA SER A 22 -24.98 14.88 -24.18
C SER A 22 -23.66 15.63 -24.04
N LEU A 23 -23.47 16.63 -24.90
CA LEU A 23 -22.26 17.42 -24.88
C LEU A 23 -22.19 18.34 -23.67
N ASP A 24 -23.31 18.60 -23.00
CA ASP A 24 -23.30 19.43 -21.81
C ASP A 24 -22.65 18.71 -20.64
N ASN A 25 -22.94 17.41 -20.49
CA ASN A 25 -22.34 16.62 -19.43
C ASN A 25 -20.88 16.28 -19.69
N LYS A 26 -20.39 16.50 -20.91
CA LYS A 26 -19.02 16.16 -21.27
C LYS A 26 -18.06 17.19 -20.68
N ILE A 27 -17.21 16.75 -19.76
CA ILE A 27 -16.29 17.65 -19.07
C ILE A 27 -14.86 17.54 -19.58
N GLY A 28 -14.53 16.52 -20.35
CA GLY A 28 -13.17 16.36 -20.82
C GLY A 28 -12.98 15.37 -21.95
N GLN A 29 -11.94 15.60 -22.76
CA GLN A 29 -11.51 14.68 -23.80
C GLN A 29 -9.99 14.59 -23.79
N GLY A 30 -9.43 14.40 -22.60
CA GLY A 30 -7.98 14.44 -22.40
C GLY A 30 -7.20 13.33 -23.07
N GLY A 31 -7.84 12.46 -23.84
CA GLY A 31 -7.14 11.36 -24.48
C GLY A 31 -7.66 10.00 -24.03
N PHE A 32 -7.52 9.00 -24.89
CA PHE A 32 -8.01 7.64 -24.64
C PHE A 32 -9.51 7.61 -24.35
N GLY A 33 -10.25 8.61 -24.82
CA GLY A 33 -11.68 8.69 -24.65
C GLY A 33 -12.11 10.02 -24.06
N ALA A 34 -13.41 10.14 -23.86
CA ALA A 34 -14.03 11.36 -23.34
C ALA A 34 -14.48 11.14 -21.90
N VAL A 35 -14.66 12.25 -21.20
CA VAL A 35 -15.03 12.24 -19.78
C VAL A 35 -16.36 12.99 -19.62
N TYR A 36 -17.27 12.40 -18.85
CA TYR A 36 -18.59 12.98 -18.59
C TYR A 36 -18.80 13.08 -17.08
N TYR A 37 -19.36 14.21 -16.65
CA TYR A 37 -19.78 14.35 -15.26
C TYR A 37 -21.14 13.69 -15.07
N ALA A 38 -21.31 13.02 -13.92
CA ALA A 38 -22.54 12.30 -13.66
C ALA A 38 -22.77 12.21 -12.16
N GLU A 39 -24.04 12.18 -11.77
CA GLU A 39 -24.47 12.01 -10.39
C GLU A 39 -25.10 10.63 -10.28
N LEU A 40 -24.35 9.67 -9.76
CA LEU A 40 -24.75 8.26 -9.74
C LEU A 40 -24.88 7.80 -8.29
N ARG A 41 -26.11 7.51 -7.88
CA ARG A 41 -26.40 6.90 -6.58
C ARG A 41 -25.83 7.74 -5.44
N GLY A 42 -26.28 8.99 -5.38
CA GLY A 42 -25.91 9.88 -4.30
C GLY A 42 -24.47 10.31 -4.28
N GLU A 43 -23.77 10.23 -5.40
CA GLU A 43 -22.37 10.62 -5.46
C GLU A 43 -22.10 11.37 -6.76
N LYS A 44 -21.24 12.38 -6.69
CA LYS A 44 -20.74 13.06 -7.87
C LYS A 44 -19.63 12.22 -8.49
N THR A 45 -19.77 11.87 -9.76
CA THR A 45 -18.85 10.95 -10.42
C THR A 45 -18.33 11.58 -11.71
N ALA A 46 -17.47 10.83 -12.40
CA ALA A 46 -16.93 11.23 -13.69
C ALA A 46 -16.83 9.99 -14.56
N ILE A 47 -17.66 9.92 -15.60
CA ILE A 47 -17.69 8.77 -16.49
C ILE A 47 -16.66 8.97 -17.58
N LYS A 48 -15.80 7.97 -17.78
CA LYS A 48 -14.73 8.02 -18.77
C LYS A 48 -14.98 6.93 -19.80
N LYS A 49 -15.37 7.33 -21.01
CA LYS A 49 -15.66 6.38 -22.08
C LYS A 49 -14.37 5.91 -22.73
N MET A 50 -14.19 4.60 -22.81
CA MET A 50 -13.07 3.99 -23.51
C MET A 50 -13.61 2.91 -24.43
N ASP A 51 -13.18 2.92 -25.69
CA ASP A 51 -13.67 2.00 -26.70
C ASP A 51 -12.71 0.81 -26.77
N VAL A 52 -13.08 -0.27 -26.08
CA VAL A 52 -12.22 -1.45 -25.97
C VAL A 52 -13.11 -2.70 -26.11
N GLN A 53 -12.58 -3.72 -26.76
CA GLN A 53 -13.23 -5.02 -26.81
C GLN A 53 -13.08 -5.72 -25.46
N ALA A 54 -14.18 -6.29 -24.97
CA ALA A 54 -14.21 -6.87 -23.63
C ALA A 54 -13.63 -8.29 -23.65
N SER A 55 -12.31 -8.34 -23.81
CA SER A 55 -11.60 -9.61 -23.73
C SER A 55 -11.42 -10.02 -22.27
N SER A 56 -11.06 -11.28 -22.07
CA SER A 56 -10.80 -11.75 -20.71
C SER A 56 -9.54 -11.14 -20.14
N GLU A 57 -8.52 -10.92 -20.98
CA GLU A 57 -7.34 -10.20 -20.52
C GLU A 57 -7.68 -8.75 -20.19
N PHE A 58 -8.59 -8.15 -20.96
CA PHE A 58 -9.05 -6.80 -20.64
C PHE A 58 -9.78 -6.78 -19.30
N LEU A 59 -10.59 -7.80 -19.02
CA LEU A 59 -11.28 -7.86 -17.74
C LEU A 59 -10.30 -8.13 -16.59
N CYS A 60 -9.25 -8.90 -16.85
CA CYS A 60 -8.23 -9.12 -15.82
C CYS A 60 -7.51 -7.81 -15.48
N GLU A 61 -7.24 -6.98 -16.49
CA GLU A 61 -6.67 -5.67 -16.23
C GLU A 61 -7.69 -4.74 -15.56
N LEU A 62 -8.98 -4.95 -15.84
CA LEU A 62 -10.01 -4.17 -15.16
C LEU A 62 -10.12 -4.53 -13.68
N LYS A 63 -9.83 -5.79 -13.34
CA LYS A 63 -9.85 -6.19 -11.93
C LYS A 63 -8.77 -5.46 -11.14
N VAL A 64 -7.63 -5.20 -11.77
CA VAL A 64 -6.55 -4.47 -11.09
C VAL A 64 -7.01 -3.06 -10.76
N LEU A 65 -7.81 -2.45 -11.63
CA LEU A 65 -8.29 -1.09 -11.37
C LEU A 65 -9.40 -1.05 -10.33
N THR A 66 -10.17 -2.13 -10.19
CA THR A 66 -11.23 -2.19 -9.20
C THR A 66 -10.77 -2.71 -7.85
N HIS A 67 -9.60 -3.36 -7.79
CA HIS A 67 -9.12 -3.93 -6.55
C HIS A 67 -8.15 -3.03 -5.79
N VAL A 68 -7.50 -2.08 -6.48
CA VAL A 68 -6.55 -1.20 -5.79
C VAL A 68 -7.30 -0.35 -4.77
N HIS A 69 -6.64 -0.12 -3.63
CA HIS A 69 -7.26 0.61 -2.52
C HIS A 69 -6.18 1.41 -1.80
N HIS A 70 -6.20 2.72 -1.99
CA HIS A 70 -5.27 3.60 -1.30
C HIS A 70 -5.88 4.99 -1.22
N LEU A 71 -5.58 5.68 -0.13
CA LEU A 71 -6.12 7.02 0.08
C LEU A 71 -5.59 8.02 -0.94
N ASN A 72 -4.43 7.77 -1.52
CA ASN A 72 -3.81 8.68 -2.48
C ASN A 72 -4.06 8.28 -3.93
N LEU A 73 -5.07 7.44 -4.17
CA LEU A 73 -5.53 7.12 -5.51
C LEU A 73 -6.98 7.55 -5.64
N VAL A 74 -7.33 8.11 -6.79
CA VAL A 74 -8.72 8.44 -7.07
C VAL A 74 -9.52 7.15 -7.16
N ARG A 75 -10.63 7.08 -6.41
CA ARG A 75 -11.38 5.85 -6.31
C ARG A 75 -12.15 5.57 -7.59
N LEU A 76 -12.04 4.34 -8.09
CA LEU A 76 -12.87 3.86 -9.19
C LEU A 76 -14.16 3.32 -8.58
N ILE A 77 -15.22 4.13 -8.63
CA ILE A 77 -16.48 3.75 -8.00
C ILE A 77 -17.08 2.53 -8.69
N GLY A 78 -17.10 2.54 -10.02
CA GLY A 78 -17.70 1.43 -10.74
C GLY A 78 -17.27 1.42 -12.19
N TYR A 79 -17.91 0.55 -12.95
CA TYR A 79 -17.58 0.36 -14.35
C TYR A 79 -18.82 -0.11 -15.10
N CYS A 80 -18.76 -0.03 -16.42
CA CYS A 80 -19.83 -0.50 -17.29
C CYS A 80 -19.23 -1.07 -18.56
N VAL A 81 -19.63 -2.28 -18.91
CA VAL A 81 -19.07 -2.97 -20.07
C VAL A 81 -20.03 -3.07 -21.24
N GLU A 82 -21.33 -2.90 -21.02
CA GLU A 82 -22.31 -2.97 -22.10
C GLU A 82 -22.01 -1.90 -23.15
N GLY A 83 -21.77 -2.33 -24.38
CA GLY A 83 -21.35 -1.42 -25.44
C GLY A 83 -19.83 -1.24 -25.44
N SER A 84 -19.38 -0.06 -25.01
CA SER A 84 -17.97 0.22 -24.81
C SER A 84 -17.66 0.15 -23.32
N LEU A 85 -16.46 0.57 -22.95
CA LEU A 85 -16.04 0.58 -21.56
C LEU A 85 -16.31 1.95 -20.94
N PHE A 86 -16.94 1.95 -19.77
CA PHE A 86 -17.20 3.17 -19.01
C PHE A 86 -16.60 3.02 -17.63
N LEU A 87 -15.77 3.99 -17.23
CA LEU A 87 -15.11 3.98 -15.94
C LEU A 87 -15.64 5.14 -15.10
N VAL A 88 -16.16 4.83 -13.92
CA VAL A 88 -16.82 5.79 -13.05
C VAL A 88 -15.89 6.06 -11.88
N TYR A 89 -15.31 7.25 -11.84
CA TYR A 89 -14.42 7.68 -10.78
C TYR A 89 -15.12 8.67 -9.86
N GLU A 90 -14.61 8.77 -8.63
CA GLU A 90 -15.11 9.77 -7.70
C GLU A 90 -14.69 11.17 -8.15
N HIS A 91 -15.53 12.15 -7.85
CA HIS A 91 -15.32 13.52 -8.30
C HIS A 91 -14.59 14.32 -7.21
N ILE A 92 -13.46 14.92 -7.59
CA ILE A 92 -12.71 15.82 -6.73
C ILE A 92 -13.05 17.24 -7.14
N ASP A 93 -13.62 18.02 -6.21
CA ASP A 93 -14.20 19.31 -6.58
C ASP A 93 -13.14 20.28 -7.09
N ASN A 94 -12.01 20.39 -6.39
CA ASN A 94 -10.92 21.21 -6.88
C ASN A 94 -10.19 20.48 -8.00
N GLY A 95 -9.60 21.27 -8.91
CA GLY A 95 -8.99 20.72 -10.10
C GLY A 95 -7.72 19.93 -9.86
N ASN A 96 -6.93 19.75 -10.92
CA ASN A 96 -5.67 19.02 -10.82
C ASN A 96 -4.55 19.96 -10.37
N LEU A 97 -3.38 19.36 -10.14
CA LEU A 97 -2.23 20.15 -9.69
C LEU A 97 -1.77 21.14 -10.75
N GLY A 98 -1.92 20.79 -12.02
CA GLY A 98 -1.52 21.71 -13.09
C GLY A 98 -2.34 22.98 -13.09
N GLN A 99 -3.64 22.87 -12.78
CA GLN A 99 -4.50 24.05 -12.73
C GLN A 99 -4.16 24.93 -11.53
N TYR A 100 -3.69 24.33 -10.43
CA TYR A 100 -3.26 25.12 -9.28
C TYR A 100 -1.93 25.82 -9.56
N LEU A 101 -0.94 25.06 -10.04
CA LEU A 101 0.40 25.62 -10.23
C LEU A 101 0.44 26.57 -11.42
N HIS A 102 0.00 26.10 -12.59
CA HIS A 102 0.12 26.84 -13.84
C HIS A 102 -1.12 27.66 -14.17
N GLY A 103 -2.11 27.71 -13.27
CA GLY A 103 -3.33 28.44 -13.55
C GLY A 103 -3.62 29.55 -12.57
N ILE A 104 -4.52 30.45 -12.95
CA ILE A 104 -4.89 31.60 -12.14
C ILE A 104 -6.37 31.50 -11.80
N GLY A 105 -6.72 31.93 -10.59
CA GLY A 105 -8.08 31.80 -10.09
C GLY A 105 -8.11 31.19 -8.71
N THR A 106 -7.12 30.33 -8.43
CA THR A 106 -6.97 29.74 -7.12
C THR A 106 -5.80 30.39 -6.40
N GLU A 107 -5.91 30.45 -5.06
CA GLU A 107 -4.85 31.04 -4.26
C GLU A 107 -3.57 30.22 -4.38
N PRO A 108 -2.40 30.86 -4.27
CA PRO A 108 -1.14 30.13 -4.45
C PRO A 108 -0.99 29.02 -3.40
N LEU A 109 -0.52 27.87 -3.87
CA LEU A 109 -0.27 26.75 -2.98
C LEU A 109 0.88 27.07 -2.04
N PRO A 110 0.70 27.01 -0.72
CA PRO A 110 1.83 27.19 0.18
C PRO A 110 2.87 26.10 -0.03
N TRP A 111 4.12 26.40 0.31
CA TRP A 111 5.19 25.44 0.09
C TRP A 111 4.96 24.16 0.88
N SER A 112 4.48 24.29 2.13
CA SER A 112 4.18 23.10 2.92
C SER A 112 3.10 22.25 2.25
N SER A 113 2.12 22.90 1.60
CA SER A 113 1.12 22.14 0.86
C SER A 113 1.72 21.45 -0.35
N ARG A 114 2.75 22.04 -0.96
CA ARG A 114 3.40 21.39 -2.09
C ARG A 114 4.21 20.19 -1.64
N VAL A 115 4.86 20.28 -0.48
CA VAL A 115 5.54 19.12 0.10
C VAL A 115 4.53 18.03 0.42
N GLN A 116 3.37 18.43 0.95
CA GLN A 116 2.33 17.45 1.28
C GLN A 116 1.78 16.79 0.03
N ILE A 117 1.50 17.58 -1.02
CA ILE A 117 0.93 17.02 -2.24
C ILE A 117 1.94 16.10 -2.93
N ALA A 118 3.21 16.49 -2.93
CA ALA A 118 4.25 15.62 -3.49
C ALA A 118 4.34 14.31 -2.70
N LEU A 119 4.32 14.39 -1.38
CA LEU A 119 4.33 13.19 -0.56
C LEU A 119 3.08 12.35 -0.79
N ASP A 120 1.92 13.00 -0.90
CA ASP A 120 0.69 12.27 -1.18
C ASP A 120 0.77 11.54 -2.52
N SER A 121 1.29 12.22 -3.55
CA SER A 121 1.41 11.58 -4.86
C SER A 121 2.43 10.46 -4.84
N ALA A 122 3.55 10.65 -4.14
CA ALA A 122 4.58 9.62 -4.08
C ALA A 122 4.06 8.35 -3.42
N ARG A 123 3.28 8.50 -2.34
CA ARG A 123 2.73 7.32 -1.66
C ARG A 123 1.75 6.59 -2.56
N GLY A 124 1.03 7.31 -3.42
CA GLY A 124 0.12 6.64 -4.35
C GLY A 124 0.84 5.83 -5.39
N LEU A 125 1.95 6.35 -5.91
CA LEU A 125 2.73 5.61 -6.89
C LEU A 125 3.50 4.46 -6.23
N GLU A 126 4.02 4.69 -5.02
CA GLU A 126 4.68 3.61 -4.28
C GLU A 126 3.73 2.44 -4.08
N TYR A 127 2.47 2.71 -3.75
CA TYR A 127 1.49 1.65 -3.61
C TYR A 127 1.31 0.90 -4.92
N ILE A 128 1.24 1.62 -6.04
CA ILE A 128 1.07 0.99 -7.34
C ILE A 128 2.25 0.05 -7.64
N HIS A 129 3.47 0.50 -7.37
CA HIS A 129 4.65 -0.25 -7.74
C HIS A 129 4.88 -1.48 -6.86
N GLU A 130 4.36 -1.48 -5.63
CA GLU A 130 4.71 -2.52 -4.67
C GLU A 130 3.53 -3.34 -4.16
N HIS A 131 2.31 -3.09 -4.62
CA HIS A 131 1.16 -3.77 -4.02
C HIS A 131 1.00 -5.19 -4.54
N THR A 132 1.46 -5.49 -5.75
CA THR A 132 1.28 -6.81 -6.32
C THR A 132 2.52 -7.19 -7.13
N VAL A 133 2.50 -8.42 -7.65
CA VAL A 133 3.55 -8.93 -8.53
C VAL A 133 2.88 -9.63 -9.70
N PRO A 134 3.25 -9.33 -10.96
CA PRO A 134 4.31 -8.42 -11.42
C PRO A 134 4.06 -6.95 -11.09
N VAL A 135 5.10 -6.12 -11.19
CA VAL A 135 4.96 -4.71 -10.86
C VAL A 135 4.11 -4.01 -11.91
N TYR A 136 3.16 -3.21 -11.46
CA TYR A 136 2.32 -2.40 -12.33
C TYR A 136 2.82 -0.96 -12.35
N ILE A 137 2.61 -0.30 -13.48
CA ILE A 137 3.17 1.02 -13.75
C ILE A 137 2.03 1.96 -14.16
N HIS A 138 2.05 3.18 -13.64
CA HIS A 138 1.02 4.14 -14.01
C HIS A 138 1.18 4.59 -15.46
N ARG A 139 2.41 4.75 -15.93
CA ARG A 139 2.78 4.99 -17.32
C ARG A 139 2.40 6.37 -17.84
N ASP A 140 1.74 7.20 -17.04
CA ASP A 140 1.38 8.54 -17.49
C ASP A 140 1.28 9.48 -16.28
N VAL A 141 2.35 9.54 -15.49
CA VAL A 141 2.40 10.44 -14.34
C VAL A 141 2.63 11.86 -14.84
N LYS A 142 1.74 12.77 -14.45
CA LYS A 142 1.86 14.18 -14.82
C LYS A 142 1.04 15.00 -13.85
N SER A 143 1.25 16.32 -13.91
CA SER A 143 0.55 17.22 -12.99
C SER A 143 -0.96 17.17 -13.19
N ALA A 144 -1.42 16.96 -14.42
CA ALA A 144 -2.85 16.87 -14.68
C ALA A 144 -3.46 15.59 -14.12
N ASN A 145 -2.64 14.58 -13.82
CA ASN A 145 -3.11 13.35 -13.23
C ASN A 145 -3.00 13.32 -11.71
N ILE A 146 -2.73 14.46 -11.08
CA ILE A 146 -2.70 14.59 -9.63
C ILE A 146 -3.83 15.53 -9.24
N LEU A 147 -4.85 14.99 -8.59
CA LEU A 147 -6.04 15.76 -8.22
C LEU A 147 -5.91 16.27 -6.79
N ILE A 148 -6.41 17.47 -6.56
CA ILE A 148 -6.33 18.15 -5.27
C ILE A 148 -7.74 18.32 -4.75
N ASP A 149 -7.96 17.97 -3.48
CA ASP A 149 -9.26 18.14 -2.85
C ASP A 149 -9.29 19.45 -2.07
N LYS A 150 -10.41 19.68 -1.36
CA LYS A 150 -10.57 20.92 -0.61
C LYS A 150 -9.53 21.04 0.49
N ASN A 151 -9.09 19.92 1.06
CA ASN A 151 -8.06 19.93 2.09
C ASN A 151 -6.65 19.97 1.52
N LEU A 152 -6.52 20.23 0.21
CA LEU A 152 -5.23 20.38 -0.45
C LEU A 152 -4.37 19.12 -0.31
N ARG A 153 -5.00 17.96 -0.50
CA ARG A 153 -4.33 16.67 -0.46
C ARG A 153 -4.29 16.08 -1.86
N GLY A 154 -3.30 15.21 -2.10
CA GLY A 154 -3.02 14.69 -3.43
C GLY A 154 -3.60 13.30 -3.63
N LYS A 155 -4.09 13.06 -4.85
CA LYS A 155 -4.59 11.76 -5.27
C LYS A 155 -4.17 11.54 -6.72
N VAL A 156 -3.58 10.38 -7.00
CA VAL A 156 -3.15 10.05 -8.35
C VAL A 156 -4.36 9.52 -9.13
N ALA A 157 -4.55 10.04 -10.34
CA ALA A 157 -5.70 9.71 -11.17
C ALA A 157 -5.27 8.91 -12.39
N ASN A 158 -6.26 8.20 -12.96
CA ASN A 158 -6.13 7.55 -14.27
C ASN A 158 -5.02 6.50 -14.28
N PHE A 159 -4.94 5.71 -13.22
CA PHE A 159 -3.98 4.61 -13.17
C PHE A 159 -4.48 3.44 -14.01
N GLY A 160 -3.56 2.87 -14.79
CA GLY A 160 -3.85 1.66 -15.54
C GLY A 160 -4.57 1.87 -16.86
N LEU A 161 -4.93 3.12 -17.20
CA LEU A 161 -5.60 3.37 -18.47
C LEU A 161 -4.70 3.05 -19.65
N THR A 162 -3.39 3.25 -19.49
CA THR A 162 -2.44 2.93 -20.55
C THR A 162 -2.47 1.44 -20.87
N LYS A 163 -2.37 0.60 -19.83
CA LYS A 163 -2.37 -0.84 -20.04
C LYS A 163 -3.68 -1.30 -20.66
N LEU A 164 -4.81 -0.76 -20.20
CA LEU A 164 -6.11 -1.12 -20.76
C LEU A 164 -6.19 -0.78 -22.24
N ILE A 165 -5.66 0.38 -22.64
CA ILE A 165 -5.69 0.77 -24.04
C ILE A 165 -4.79 -0.14 -24.87
N GLU A 166 -3.65 -0.54 -24.32
CA GLU A 166 -2.72 -1.37 -25.10
C GLU A 166 -3.22 -2.81 -25.21
N VAL A 167 -3.74 -3.37 -24.13
CA VAL A 167 -4.21 -4.76 -24.20
C VAL A 167 -5.51 -4.85 -25.01
N GLY A 168 -6.30 -3.78 -25.05
CA GLY A 168 -7.52 -3.78 -25.83
C GLY A 168 -7.31 -3.50 -27.30
N ASN A 169 -6.19 -2.86 -27.66
CA ASN A 169 -5.87 -2.56 -29.05
C ASN A 169 -4.56 -3.22 -29.47
N SER A 170 -4.22 -4.34 -28.83
CA SER A 170 -2.98 -5.05 -29.13
C SER A 170 -3.04 -5.69 -30.52
N ARG A 175 1.82 10.95 -30.21
CA ARG A 175 2.40 10.11 -29.18
C ARG A 175 1.50 8.91 -28.87
N LEU A 176 2.12 7.72 -28.77
CA LEU A 176 1.36 6.52 -28.48
C LEU A 176 0.88 6.51 -27.03
N VAL A 177 1.81 6.49 -26.09
CA VAL A 177 1.50 6.53 -24.67
C VAL A 177 2.52 7.42 -23.97
N GLY A 178 2.04 8.36 -23.17
CA GLY A 178 2.91 9.26 -22.44
C GLY A 178 2.68 10.71 -22.79
N THR A 179 3.19 11.61 -21.98
CA THR A 179 3.05 13.04 -22.19
C THR A 179 4.43 13.66 -22.36
N PHE A 180 4.56 14.54 -23.36
CA PHE A 180 5.83 15.21 -23.61
C PHE A 180 6.30 15.94 -22.37
N GLY A 181 7.60 15.87 -22.10
CA GLY A 181 8.18 16.43 -20.91
C GLY A 181 8.22 15.49 -19.71
N TYR A 182 7.41 14.43 -19.73
CA TYR A 182 7.35 13.47 -18.65
C TYR A 182 7.92 12.12 -19.04
N MET A 183 8.45 11.97 -20.26
CA MET A 183 8.93 10.68 -20.70
C MET A 183 10.44 10.58 -20.56
N PRO A 184 10.95 9.52 -19.94
CA PRO A 184 12.40 9.33 -19.83
C PRO A 184 13.01 9.06 -21.20
N PRO A 185 14.31 9.31 -21.35
CA PRO A 185 14.94 9.09 -22.67
C PRO A 185 14.86 7.66 -23.18
N GLU A 186 14.90 6.67 -22.28
CA GLU A 186 14.87 5.28 -22.73
C GLU A 186 13.46 4.84 -23.15
N TYR A 187 12.42 5.56 -22.74
CA TYR A 187 11.06 5.24 -23.16
C TYR A 187 10.60 6.07 -24.35
N ALA A 188 10.92 7.36 -24.36
CA ALA A 188 10.52 8.21 -25.48
C ALA A 188 11.18 7.77 -26.78
N GLN A 189 12.42 7.28 -26.71
CA GLN A 189 13.18 6.92 -27.91
C GLN A 189 13.15 5.43 -28.22
N TYR A 190 13.03 4.57 -27.22
CA TYR A 190 13.11 3.14 -27.44
C TYR A 190 11.96 2.34 -26.86
N GLY A 191 11.03 2.96 -26.13
CA GLY A 191 9.90 2.23 -25.60
C GLY A 191 10.21 1.32 -24.43
N ASP A 192 11.39 1.44 -23.82
CA ASP A 192 11.72 0.65 -22.65
C ASP A 192 10.77 0.96 -21.51
N VAL A 193 10.03 -0.06 -21.06
CA VAL A 193 9.00 0.11 -20.03
C VAL A 193 9.54 -0.45 -18.72
N SER A 194 9.47 0.36 -17.66
CA SER A 194 9.88 -0.04 -16.33
C SER A 194 9.28 0.96 -15.33
N PRO A 195 9.23 0.61 -14.05
CA PRO A 195 8.71 1.58 -13.05
C PRO A 195 9.47 2.89 -13.02
N LYS A 196 10.71 2.92 -13.53
CA LYS A 196 11.47 4.16 -13.57
C LYS A 196 10.85 5.20 -14.49
N ILE A 197 9.89 4.82 -15.34
CA ILE A 197 9.13 5.80 -16.11
C ILE A 197 8.38 6.74 -15.17
N ASP A 198 7.71 6.17 -14.18
CA ASP A 198 6.94 6.99 -13.24
C ASP A 198 7.86 7.83 -12.37
N VAL A 199 9.01 7.29 -11.98
CA VAL A 199 9.96 8.04 -11.15
C VAL A 199 10.46 9.26 -11.91
N TYR A 200 10.81 9.09 -13.18
CA TYR A 200 11.24 10.21 -14.00
C TYR A 200 10.14 11.26 -14.09
N ALA A 201 8.92 10.82 -14.44
CA ALA A 201 7.80 11.75 -14.56
C ALA A 201 7.51 12.44 -13.24
N PHE A 202 7.67 11.74 -12.12
CA PHE A 202 7.46 12.35 -10.82
C PHE A 202 8.48 13.45 -10.56
N GLY A 203 9.74 13.22 -10.95
CA GLY A 203 10.75 14.26 -10.80
C GLY A 203 10.36 15.56 -11.50
N VAL A 204 9.70 15.44 -12.65
CA VAL A 204 9.22 16.64 -13.35
C VAL A 204 8.12 17.31 -12.54
N VAL A 205 7.27 16.53 -11.87
CA VAL A 205 6.21 17.11 -11.04
C VAL A 205 6.83 17.90 -9.89
N LEU A 206 7.87 17.35 -9.27
CA LEU A 206 8.61 18.10 -8.26
C LEU A 206 9.17 19.39 -8.83
N TYR A 207 9.71 19.33 -10.05
CA TYR A 207 10.19 20.54 -10.71
C TYR A 207 9.06 21.55 -10.91
N GLU A 208 7.87 21.07 -11.23
CA GLU A 208 6.74 21.97 -11.42
C GLU A 208 6.30 22.60 -10.10
N LEU A 209 6.31 21.81 -9.02
CA LEU A 209 5.95 22.34 -7.71
C LEU A 209 6.90 23.46 -7.29
N ILE A 210 8.17 23.34 -7.67
CA ILE A 210 9.14 24.38 -7.34
C ILE A 210 8.95 25.60 -8.22
N THR A 211 8.75 25.38 -9.52
CA THR A 211 8.80 26.46 -10.50
C THR A 211 7.44 26.96 -10.96
N ALA A 212 6.40 26.13 -10.86
CA ALA A 212 5.09 26.41 -11.48
C ALA A 212 5.23 26.68 -12.98
N LYS A 213 6.21 26.04 -13.61
CA LYS A 213 6.39 26.07 -15.05
C LYS A 213 6.01 24.72 -15.64
N ASN A 214 5.54 24.73 -16.88
CA ASN A 214 5.13 23.51 -17.55
C ASN A 214 6.36 22.65 -17.88
N ALA A 215 6.12 21.34 -18.03
CA ALA A 215 7.22 20.42 -18.34
C ALA A 215 7.92 20.82 -19.63
N VAL A 216 7.16 21.22 -20.64
CA VAL A 216 7.70 21.80 -21.87
C VAL A 216 7.56 23.32 -21.75
N LEU A 217 8.70 24.02 -21.78
CA LEU A 217 8.70 25.45 -21.54
C LEU A 217 8.11 26.22 -22.71
N LYS A 218 7.19 27.13 -22.41
CA LYS A 218 6.52 27.92 -23.43
C LYS A 218 7.35 29.14 -23.81
N SER A 222 14.57 29.68 -30.51
CA SER A 222 13.44 30.44 -30.01
C SER A 222 12.14 29.63 -30.08
N VAL A 223 11.21 30.08 -30.91
CA VAL A 223 9.95 29.39 -31.07
C VAL A 223 10.14 28.15 -31.94
N ALA A 224 9.19 27.22 -31.83
CA ALA A 224 9.15 25.96 -32.59
C ALA A 224 10.20 24.96 -32.08
N GLU A 225 11.15 25.42 -31.27
CA GLU A 225 12.13 24.56 -30.63
C GLU A 225 11.79 24.46 -29.14
N SER A 226 11.44 23.25 -28.71
CA SER A 226 11.01 23.03 -27.33
C SER A 226 12.20 22.90 -26.39
N LYS A 227 11.99 23.29 -25.14
CA LYS A 227 12.99 23.15 -24.09
C LYS A 227 12.33 22.60 -22.85
N GLY A 228 12.92 21.57 -22.25
CA GLY A 228 12.31 20.90 -21.12
C GLY A 228 12.67 21.54 -19.79
N LEU A 229 11.79 21.32 -18.81
CA LEU A 229 12.04 21.81 -17.46
C LEU A 229 13.20 21.06 -16.82
N VAL A 230 13.43 19.80 -17.22
CA VAL A 230 14.57 19.05 -16.72
C VAL A 230 15.87 19.74 -17.10
N GLN A 231 15.98 20.17 -18.36
CA GLN A 231 17.16 20.91 -18.80
C GLN A 231 17.31 22.23 -18.05
N LEU A 232 16.18 22.83 -17.65
CA LEU A 232 16.24 24.11 -16.95
C LEU A 232 16.86 23.94 -15.56
N PHE A 233 16.55 22.84 -14.87
CA PHE A 233 17.18 22.58 -13.58
C PHE A 233 18.64 22.18 -13.75
N GLU A 234 18.99 21.55 -14.87
CA GLU A 234 20.39 21.24 -15.14
C GLU A 234 21.21 22.52 -15.25
N GLU A 235 20.63 23.57 -15.84
CA GLU A 235 21.32 24.84 -15.97
C GLU A 235 21.30 25.66 -14.68
N ALA A 236 20.35 25.40 -13.80
CA ALA A 236 20.24 26.13 -12.55
C ALA A 236 21.13 25.57 -11.45
N LEU A 237 21.24 24.24 -11.38
CA LEU A 237 21.97 23.60 -10.29
C LEU A 237 23.43 23.29 -10.64
N HIS A 238 23.77 23.23 -11.92
CA HIS A 238 25.14 22.96 -12.33
C HIS A 238 25.83 24.26 -12.74
N ARG A 239 25.93 25.17 -11.77
CA ARG A 239 26.56 26.47 -11.98
C ARG A 239 27.39 26.80 -10.74
N MET A 240 28.06 27.96 -10.79
CA MET A 240 28.93 28.37 -9.69
C MET A 240 28.16 28.49 -8.38
N ASP A 241 27.01 29.16 -8.42
CA ASP A 241 26.14 29.31 -7.25
C ASP A 241 24.85 28.54 -7.50
N PRO A 242 24.78 27.26 -7.12
CA PRO A 242 23.54 26.50 -7.36
C PRO A 242 22.34 27.05 -6.60
N LEU A 243 22.56 27.70 -5.45
CA LEU A 243 21.45 28.26 -4.69
C LEU A 243 20.82 29.44 -5.42
N GLU A 244 21.64 30.30 -6.01
CA GLU A 244 21.12 31.46 -6.73
C GLU A 244 20.40 31.04 -8.01
N GLY A 245 20.94 30.03 -8.70
CA GLY A 245 20.26 29.52 -9.88
C GLY A 245 18.91 28.91 -9.54
N LEU A 246 18.80 28.30 -8.36
CA LEU A 246 17.51 27.75 -7.93
C LEU A 246 16.55 28.85 -7.51
N ARG A 247 17.05 29.87 -6.83
CA ARG A 247 16.20 30.98 -6.41
C ARG A 247 15.58 31.69 -7.60
N LYS A 248 16.29 31.75 -8.73
CA LYS A 248 15.74 32.32 -9.95
C LYS A 248 14.62 31.47 -10.53
N LEU A 249 14.53 30.19 -10.15
CA LEU A 249 13.54 29.30 -10.72
C LEU A 249 12.27 29.17 -9.89
N VAL A 250 12.32 29.52 -8.59
CA VAL A 250 11.18 29.30 -7.72
C VAL A 250 9.97 30.11 -8.21
N ASP A 251 8.79 29.52 -8.06
CA ASP A 251 7.52 30.14 -8.42
C ASP A 251 7.45 31.57 -7.87
N PRO A 252 7.29 32.58 -8.74
CA PRO A 252 7.16 33.96 -8.23
C PRO A 252 5.95 34.15 -7.33
N ARG A 253 4.91 33.33 -7.47
CA ARG A 253 3.74 33.45 -6.61
C ARG A 253 4.09 33.14 -5.15
N LEU A 254 5.07 32.28 -4.92
CA LEU A 254 5.49 31.97 -3.56
C LEU A 254 6.23 33.11 -2.90
N LYS A 255 6.70 34.09 -3.69
CA LYS A 255 7.49 35.23 -3.20
C LYS A 255 8.71 34.67 -2.51
N GLU A 256 8.95 34.98 -1.23
CA GLU A 256 10.09 34.44 -0.49
C GLU A 256 9.64 33.57 0.69
N ASN A 257 8.43 33.02 0.62
CA ASN A 257 7.86 32.25 1.72
C ASN A 257 8.13 30.76 1.49
N TYR A 258 9.40 30.39 1.62
CA TYR A 258 9.80 29.00 1.46
C TYR A 258 11.17 28.79 2.08
N PRO A 259 11.44 27.65 2.70
CA PRO A 259 12.79 27.33 3.17
C PRO A 259 13.69 26.95 1.99
N ILE A 260 14.76 27.71 1.80
CA ILE A 260 15.63 27.49 0.65
C ILE A 260 16.26 26.09 0.70
N ASP A 261 16.56 25.60 1.90
CA ASP A 261 17.16 24.27 2.01
C ASP A 261 16.14 23.18 1.68
N SER A 262 14.89 23.37 2.07
CA SER A 262 13.86 22.37 1.75
C SER A 262 13.57 22.34 0.26
N VAL A 263 13.57 23.51 -0.39
CA VAL A 263 13.38 23.56 -1.84
C VAL A 263 14.59 22.97 -2.54
N LEU A 264 15.79 23.19 -1.98
CA LEU A 264 16.99 22.58 -2.55
C LEU A 264 16.92 21.06 -2.48
N LYS A 265 16.45 20.52 -1.34
CA LYS A 265 16.36 19.07 -1.20
C LYS A 265 15.36 18.47 -2.18
N MET A 266 14.26 19.17 -2.42
CA MET A 266 13.28 18.68 -3.40
C MET A 266 13.86 18.76 -4.81
N ALA A 267 14.62 19.81 -5.11
CA ALA A 267 15.27 19.90 -6.41
C ALA A 267 16.32 18.82 -6.58
N GLN A 268 17.11 18.56 -5.53
CA GLN A 268 18.06 17.46 -5.58
C GLN A 268 17.34 16.13 -5.79
N LEU A 269 16.15 15.97 -5.23
CA LEU A 269 15.40 14.73 -5.39
C LEU A 269 14.88 14.60 -6.81
N GLY A 270 14.44 15.71 -7.42
CA GLY A 270 14.03 15.67 -8.82
C GLY A 270 15.19 15.37 -9.76
N ARG A 271 16.40 15.81 -9.38
CA ARG A 271 17.58 15.49 -10.18
C ARG A 271 17.82 13.99 -10.21
N ALA A 272 17.74 13.33 -9.05
CA ALA A 272 17.95 11.88 -9.01
C ALA A 272 16.89 11.14 -9.81
N CYS A 273 15.65 11.64 -9.77
CA CYS A 273 14.58 10.99 -10.52
C CYS A 273 14.75 11.13 -12.02
N THR A 274 15.38 12.22 -12.46
CA THR A 274 15.46 12.55 -13.89
C THR A 274 16.79 12.18 -14.50
N ARG A 275 17.54 11.28 -13.88
CA ARG A 275 18.80 10.84 -14.46
C ARG A 275 18.56 10.06 -15.75
N ASP A 276 19.52 10.16 -16.67
CA ASP A 276 19.38 9.49 -17.97
C ASP A 276 19.32 7.98 -17.79
N ASN A 277 20.23 7.42 -16.99
CA ASN A 277 20.23 5.99 -16.72
C ASN A 277 19.10 5.64 -15.77
N PRO A 278 18.12 4.85 -16.19
CA PRO A 278 17.00 4.54 -15.27
C PRO A 278 17.43 3.71 -14.07
N LEU A 279 18.50 2.92 -14.19
CA LEU A 279 18.97 2.14 -13.06
C LEU A 279 19.44 3.03 -11.91
N LEU A 280 19.96 4.21 -12.22
CA LEU A 280 20.44 5.13 -11.20
C LEU A 280 19.32 5.93 -10.55
N ARG A 281 18.09 5.83 -11.05
CA ARG A 281 16.98 6.54 -10.45
C ARG A 281 16.53 5.83 -9.17
N PRO A 282 16.12 6.58 -8.16
CA PRO A 282 15.65 5.95 -6.92
C PRO A 282 14.25 5.35 -7.10
N SER A 283 13.96 4.37 -6.27
CA SER A 283 12.63 3.79 -6.24
C SER A 283 11.64 4.79 -5.66
N MET A 284 10.34 4.49 -5.84
CA MET A 284 9.32 5.36 -5.24
C MET A 284 9.36 5.28 -3.72
N ARG A 285 9.84 4.16 -3.16
CA ARG A 285 9.95 4.06 -1.71
C ARG A 285 10.99 5.01 -1.16
N SER A 286 12.15 5.09 -1.81
CA SER A 286 13.18 6.03 -1.36
C SER A 286 12.70 7.47 -1.44
N ILE A 287 11.89 7.78 -2.47
CA ILE A 287 11.37 9.13 -2.62
C ILE A 287 10.43 9.48 -1.48
N VAL A 288 9.61 8.52 -1.04
CA VAL A 288 8.68 8.78 0.06
C VAL A 288 9.44 9.09 1.34
N VAL A 289 10.42 8.26 1.68
CA VAL A 289 11.20 8.48 2.89
C VAL A 289 12.00 9.77 2.79
N ALA A 290 12.41 10.15 1.58
CA ALA A 290 13.16 11.39 1.41
C ALA A 290 12.24 12.61 1.53
N LEU A 291 11.01 12.50 1.02
CA LEU A 291 10.06 13.60 1.13
C LEU A 291 9.57 13.78 2.56
N MET A 292 9.56 12.71 3.35
CA MET A 292 9.09 12.80 4.73
C MET A 292 10.04 13.60 5.62
N THR A 293 11.32 13.68 5.25
CA THR A 293 12.25 14.53 6.00
C THR A 293 12.05 16.01 5.73
N LEU A 294 11.27 16.37 4.71
CA LEU A 294 10.94 17.76 4.43
C LEU A 294 9.62 18.20 5.03
N SER A 295 8.71 17.26 5.29
CA SER A 295 7.40 17.59 5.82
C SER A 295 7.43 17.71 7.34
N SER B 6 -15.15 -9.01 -2.13
CA SER B 6 -16.38 -8.24 -2.03
C SER B 6 -17.61 -9.13 -2.18
N THR B 7 -17.37 -10.43 -2.28
CA THR B 7 -18.45 -11.39 -2.50
C THR B 7 -19.25 -11.57 -1.21
N GLU B 8 -20.46 -11.02 -1.18
CA GLU B 8 -21.35 -11.22 -0.04
C GLU B 8 -21.99 -12.59 -0.17
N PHE B 9 -21.69 -13.49 0.77
CA PHE B 9 -22.21 -14.84 0.74
C PHE B 9 -23.52 -14.93 1.51
N THR B 10 -24.20 -16.06 1.34
CA THR B 10 -25.37 -16.42 2.13
C THR B 10 -24.99 -17.55 3.08
N TYR B 11 -25.81 -17.73 4.12
CA TYR B 11 -25.52 -18.77 5.10
C TYR B 11 -25.63 -20.17 4.51
N GLN B 12 -26.67 -20.40 3.71
CA GLN B 12 -26.88 -21.74 3.16
C GLN B 12 -25.81 -22.09 2.12
N GLU B 13 -25.36 -21.11 1.34
CA GLU B 13 -24.28 -21.36 0.39
C GLU B 13 -23.01 -21.76 1.11
N LEU B 14 -22.68 -21.08 2.22
CA LEU B 14 -21.57 -21.51 3.05
C LEU B 14 -21.89 -22.83 3.74
N ALA B 15 -23.17 -23.11 3.98
CA ALA B 15 -23.58 -24.39 4.56
C ALA B 15 -23.58 -25.52 3.53
N LYS B 16 -23.36 -25.22 2.25
CA LYS B 16 -23.19 -26.29 1.27
C LYS B 16 -21.87 -27.01 1.50
N ALA B 17 -20.80 -26.26 1.78
CA ALA B 17 -19.56 -26.84 2.25
C ALA B 17 -19.56 -26.84 3.78
N THR B 18 -18.48 -27.36 4.38
CA THR B 18 -18.31 -27.47 5.82
C THR B 18 -19.44 -28.26 6.49
N ASN B 19 -20.19 -29.04 5.72
CA ASN B 19 -21.41 -29.71 6.19
C ASN B 19 -22.31 -28.64 6.78
N ASN B 20 -22.83 -28.79 7.99
CA ASN B 20 -23.59 -27.73 8.66
C ASN B 20 -22.72 -26.96 9.64
N PHE B 21 -21.52 -26.58 9.19
CA PHE B 21 -20.56 -25.81 9.98
C PHE B 21 -20.18 -26.56 11.26
N SER B 22 -19.57 -27.73 11.09
CA SER B 22 -19.24 -28.55 12.23
C SER B 22 -18.27 -29.67 11.83
N LEU B 23 -17.60 -30.21 12.85
CA LEU B 23 -16.85 -31.46 12.80
C LEU B 23 -15.61 -31.40 11.92
N ASP B 24 -15.50 -32.33 10.96
CA ASP B 24 -14.21 -32.61 10.33
C ASP B 24 -13.71 -31.45 9.47
N ASN B 25 -14.63 -30.69 8.86
CA ASN B 25 -14.20 -29.58 8.02
C ASN B 25 -13.55 -28.46 8.82
N LYS B 26 -13.75 -28.42 10.13
CA LYS B 26 -13.05 -27.46 10.97
C LYS B 26 -11.55 -27.72 10.95
N ILE B 27 -10.77 -26.66 10.75
CA ILE B 27 -9.33 -26.77 10.63
C ILE B 27 -8.60 -26.00 11.73
N GLY B 28 -9.28 -25.69 12.82
CA GLY B 28 -8.63 -25.04 13.93
C GLY B 28 -9.60 -24.22 14.75
N GLN B 29 -9.09 -23.69 15.86
CA GLN B 29 -9.85 -22.87 16.78
C GLN B 29 -9.03 -21.64 17.14
N GLY B 30 -9.67 -20.47 17.15
CA GLY B 30 -9.02 -19.22 17.48
C GLY B 30 -9.69 -18.54 18.66
N GLY B 31 -9.03 -17.49 19.15
CA GLY B 31 -9.58 -16.72 20.25
C GLY B 31 -10.83 -15.94 19.89
N PHE B 32 -10.98 -15.60 18.60
CA PHE B 32 -12.15 -14.88 18.14
C PHE B 32 -13.22 -15.81 17.57
N GLY B 33 -12.84 -16.99 17.12
CA GLY B 33 -13.81 -17.93 16.57
C GLY B 33 -13.11 -19.11 15.94
N ALA B 34 -13.93 -20.05 15.46
CA ALA B 34 -13.44 -21.27 14.84
C ALA B 34 -13.30 -21.09 13.34
N VAL B 35 -12.40 -21.88 12.75
CA VAL B 35 -12.12 -21.83 11.32
C VAL B 35 -12.55 -23.15 10.70
N TYR B 36 -13.27 -23.07 9.58
CA TYR B 36 -13.77 -24.24 8.87
C TYR B 36 -13.24 -24.24 7.44
N TYR B 37 -12.78 -25.41 6.99
CA TYR B 37 -12.29 -25.56 5.62
C TYR B 37 -13.47 -25.75 4.68
N ALA B 38 -13.45 -25.04 3.55
CA ALA B 38 -14.54 -25.08 2.59
C ALA B 38 -13.99 -24.93 1.18
N GLU B 39 -14.69 -25.55 0.23
CA GLU B 39 -14.43 -25.37 -1.20
C GLU B 39 -15.61 -24.58 -1.76
N LEU B 40 -15.43 -23.26 -1.86
CA LEU B 40 -16.48 -22.35 -2.30
C LEU B 40 -16.18 -21.87 -3.71
N ARG B 41 -17.03 -22.26 -4.66
CA ARG B 41 -16.92 -21.82 -6.05
C ARG B 41 -15.55 -22.18 -6.64
N GLY B 42 -15.06 -23.37 -6.31
CA GLY B 42 -13.80 -23.84 -6.85
C GLY B 42 -12.63 -23.66 -5.90
N GLU B 43 -12.49 -22.48 -5.33
CA GLU B 43 -11.35 -22.17 -4.47
C GLU B 43 -11.52 -22.82 -3.10
N LYS B 44 -10.39 -23.28 -2.55
CA LYS B 44 -10.36 -23.76 -1.17
C LYS B 44 -10.28 -22.56 -0.23
N THR B 45 -11.16 -22.51 0.75
CA THR B 45 -11.29 -21.35 1.64
C THR B 45 -11.11 -21.77 3.09
N ALA B 46 -11.22 -20.78 3.98
CA ALA B 46 -11.15 -21.02 5.42
C ALA B 46 -12.09 -20.01 6.08
N ILE B 47 -13.31 -20.44 6.37
CA ILE B 47 -14.33 -19.55 6.92
C ILE B 47 -14.13 -19.44 8.42
N LYS B 48 -14.15 -18.21 8.93
CA LYS B 48 -14.03 -17.93 10.35
C LYS B 48 -15.36 -17.43 10.88
N LYS B 49 -15.97 -18.19 11.80
CA LYS B 49 -17.23 -17.82 12.41
C LYS B 49 -16.98 -17.01 13.68
N MET B 50 -17.58 -15.82 13.76
CA MET B 50 -17.43 -14.93 14.89
C MET B 50 -18.81 -14.53 15.39
N ASP B 51 -18.99 -14.56 16.72
CA ASP B 51 -20.27 -14.24 17.33
C ASP B 51 -20.34 -12.73 17.57
N VAL B 52 -20.59 -12.00 16.48
CA VAL B 52 -20.70 -10.55 16.49
C VAL B 52 -21.96 -10.17 15.74
N GLN B 53 -22.82 -9.38 16.38
CA GLN B 53 -24.10 -8.97 15.80
C GLN B 53 -24.25 -7.47 15.91
N ALA B 54 -24.22 -6.78 14.78
CA ALA B 54 -24.45 -5.35 14.71
C ALA B 54 -24.73 -4.98 13.26
N SER B 55 -25.00 -3.69 13.03
CA SER B 55 -25.34 -3.24 11.69
C SER B 55 -24.89 -1.82 11.37
N SER B 56 -24.17 -1.15 12.26
CA SER B 56 -23.75 0.23 12.01
C SER B 56 -22.23 0.34 11.96
N GLU B 57 -21.60 0.59 13.12
CA GLU B 57 -20.15 0.72 13.16
C GLU B 57 -19.46 -0.58 12.80
N PHE B 58 -20.06 -1.72 13.16
CA PHE B 58 -19.48 -3.00 12.79
C PHE B 58 -19.45 -3.20 11.28
N LEU B 59 -20.48 -2.70 10.58
CA LEU B 59 -20.50 -2.82 9.13
C LEU B 59 -19.51 -1.86 8.48
N CYS B 60 -19.33 -0.68 9.07
CA CYS B 60 -18.31 0.24 8.57
C CYS B 60 -16.91 -0.31 8.81
N GLU B 61 -16.71 -1.00 9.94
CA GLU B 61 -15.44 -1.66 10.18
C GLU B 61 -15.25 -2.87 9.28
N LEU B 62 -16.35 -3.53 8.90
CA LEU B 62 -16.25 -4.66 7.99
C LEU B 62 -15.84 -4.22 6.59
N LYS B 63 -16.21 -2.99 6.20
CA LYS B 63 -15.79 -2.48 4.90
C LYS B 63 -14.28 -2.25 4.85
N VAL B 64 -13.66 -1.98 6.01
CA VAL B 64 -12.22 -1.79 6.04
C VAL B 64 -11.50 -3.10 5.74
N LEU B 65 -12.05 -4.22 6.22
CA LEU B 65 -11.42 -5.51 5.97
C LEU B 65 -11.62 -5.97 4.53
N THR B 66 -12.76 -5.61 3.92
CA THR B 66 -13.08 -6.03 2.56
C THR B 66 -12.51 -5.11 1.49
N HIS B 67 -12.02 -3.91 1.87
CA HIS B 67 -11.46 -2.99 0.90
C HIS B 67 -9.95 -3.14 0.73
N VAL B 68 -9.25 -3.57 1.79
CA VAL B 68 -7.79 -3.67 1.72
C VAL B 68 -7.39 -4.66 0.64
N HIS B 69 -6.23 -4.43 0.04
CA HIS B 69 -5.76 -5.24 -1.08
C HIS B 69 -4.24 -5.11 -1.15
N HIS B 70 -3.54 -6.15 -0.69
CA HIS B 70 -2.09 -6.19 -0.75
C HIS B 70 -1.65 -7.63 -0.93
N LEU B 71 -0.52 -7.81 -1.63
CA LEU B 71 -0.01 -9.16 -1.88
C LEU B 71 0.40 -9.83 -0.58
N ASN B 72 0.77 -9.06 0.44
CA ASN B 72 1.25 -9.61 1.71
C ASN B 72 0.15 -9.67 2.76
N LEU B 73 -1.10 -9.47 2.36
CA LEU B 73 -2.25 -9.71 3.22
C LEU B 73 -3.01 -10.93 2.72
N VAL B 74 -3.52 -11.75 3.65
CA VAL B 74 -4.33 -12.88 3.27
C VAL B 74 -5.65 -12.39 2.69
N ARG B 75 -5.98 -12.87 1.49
CA ARG B 75 -7.17 -12.41 0.80
C ARG B 75 -8.44 -12.75 1.58
N LEU B 76 -9.26 -11.74 1.83
CA LEU B 76 -10.60 -11.94 2.37
C LEU B 76 -11.53 -12.15 1.18
N ILE B 77 -11.85 -13.41 0.90
CA ILE B 77 -12.64 -13.73 -0.29
C ILE B 77 -14.06 -13.19 -0.15
N GLY B 78 -14.70 -13.46 0.99
CA GLY B 78 -16.07 -13.01 1.17
C GLY B 78 -16.43 -12.88 2.62
N TYR B 79 -17.66 -12.41 2.85
CA TYR B 79 -18.19 -12.19 4.19
C TYR B 79 -19.63 -12.69 4.22
N CYS B 80 -20.19 -12.73 5.43
CA CYS B 80 -21.58 -13.16 5.62
C CYS B 80 -22.07 -12.57 6.93
N VAL B 81 -23.13 -11.76 6.86
CA VAL B 81 -23.71 -11.12 8.04
C VAL B 81 -25.06 -11.73 8.40
N GLU B 82 -25.45 -12.82 7.74
CA GLU B 82 -26.70 -13.50 8.07
C GLU B 82 -26.52 -14.28 9.38
N GLY B 83 -27.11 -13.77 10.45
CA GLY B 83 -26.96 -14.37 11.76
C GLY B 83 -25.66 -13.94 12.42
N SER B 84 -24.65 -14.81 12.37
CA SER B 84 -23.32 -14.50 12.85
C SER B 84 -22.45 -14.01 11.69
N LEU B 85 -21.21 -13.62 12.00
CA LEU B 85 -20.28 -13.12 11.00
C LEU B 85 -19.41 -14.27 10.52
N PHE B 86 -19.39 -14.49 9.20
CA PHE B 86 -18.59 -15.53 8.57
C PHE B 86 -17.64 -14.88 7.58
N LEU B 87 -16.36 -14.80 7.95
CA LEU B 87 -15.33 -14.23 7.09
C LEU B 87 -14.65 -15.34 6.32
N VAL B 88 -14.65 -15.24 4.99
CA VAL B 88 -14.12 -16.27 4.11
C VAL B 88 -12.77 -15.79 3.58
N TYR B 89 -11.70 -16.47 3.98
CA TYR B 89 -10.35 -16.16 3.53
C TYR B 89 -9.86 -17.23 2.56
N GLU B 90 -8.77 -16.92 1.87
CA GLU B 90 -8.13 -17.89 1.00
C GLU B 90 -7.30 -18.87 1.83
N HIS B 91 -7.22 -20.10 1.35
CA HIS B 91 -6.58 -21.17 2.09
C HIS B 91 -5.11 -21.28 1.68
N ILE B 92 -4.22 -21.14 2.65
CA ILE B 92 -2.79 -21.32 2.44
C ILE B 92 -2.40 -22.70 2.98
N ASP B 93 -1.70 -23.49 2.16
CA ASP B 93 -1.55 -24.91 2.45
C ASP B 93 -0.45 -25.18 3.48
N ASN B 94 0.68 -24.47 3.40
CA ASN B 94 1.82 -24.81 4.23
C ASN B 94 1.57 -24.51 5.70
N GLY B 95 0.84 -23.44 5.99
CA GLY B 95 0.51 -23.09 7.36
C GLY B 95 1.18 -21.81 7.81
N ASN B 96 1.09 -21.56 9.11
CA ASN B 96 1.63 -20.34 9.69
C ASN B 96 3.12 -20.46 9.94
N LEU B 97 3.73 -19.33 10.31
CA LEU B 97 5.18 -19.28 10.50
C LEU B 97 5.62 -20.11 11.69
N GLY B 98 4.85 -20.11 12.77
CA GLY B 98 5.22 -20.88 13.96
C GLY B 98 5.34 -22.36 13.66
N GLN B 99 4.48 -22.88 12.78
CA GLN B 99 4.57 -24.28 12.40
C GLN B 99 5.84 -24.57 11.63
N TYR B 100 6.40 -23.55 10.96
CA TYR B 100 7.66 -23.73 10.23
C TYR B 100 8.87 -23.64 11.17
N LEU B 101 8.80 -22.77 12.18
CA LEU B 101 9.91 -22.60 13.09
C LEU B 101 9.95 -23.72 14.13
N HIS B 102 8.86 -23.87 14.89
CA HIS B 102 8.79 -24.88 15.94
C HIS B 102 8.47 -26.27 15.41
N GLY B 103 8.23 -26.41 14.11
CA GLY B 103 7.90 -27.70 13.54
C GLY B 103 9.13 -28.55 13.25
N ILE B 104 9.18 -29.74 13.84
CA ILE B 104 10.31 -30.64 13.63
C ILE B 104 10.11 -31.54 12.42
N GLY B 105 8.93 -31.54 11.81
CA GLY B 105 8.68 -32.35 10.64
C GLY B 105 9.09 -31.69 9.34
N THR B 106 9.07 -30.37 9.32
CA THR B 106 9.45 -29.61 8.14
C THR B 106 10.95 -29.29 8.16
N GLU B 107 11.52 -29.11 6.97
CA GLU B 107 12.92 -28.75 6.87
C GLU B 107 13.13 -27.32 7.36
N PRO B 108 14.31 -27.02 7.90
CA PRO B 108 14.54 -25.68 8.47
C PRO B 108 14.46 -24.59 7.42
N LEU B 109 13.79 -23.50 7.77
CA LEU B 109 13.72 -22.34 6.90
C LEU B 109 15.10 -21.70 6.79
N PRO B 110 15.68 -21.59 5.59
CA PRO B 110 16.97 -20.93 5.46
C PRO B 110 16.89 -19.47 5.93
N TRP B 111 18.05 -18.92 6.29
CA TRP B 111 18.09 -17.56 6.81
C TRP B 111 17.56 -16.57 5.79
N SER B 112 17.89 -16.76 4.51
CA SER B 112 17.40 -15.85 3.48
C SER B 112 15.88 -15.90 3.38
N SER B 113 15.30 -17.09 3.57
CA SER B 113 13.85 -17.19 3.56
C SER B 113 13.23 -16.45 4.75
N ARG B 114 13.90 -16.49 5.90
CA ARG B 114 13.40 -15.78 7.07
C ARG B 114 13.53 -14.27 6.90
N VAL B 115 14.57 -13.81 6.22
CA VAL B 115 14.67 -12.39 5.91
C VAL B 115 13.55 -11.96 4.97
N GLN B 116 13.22 -12.82 4.01
CA GLN B 116 12.15 -12.49 3.06
C GLN B 116 10.78 -12.52 3.73
N ILE B 117 10.51 -13.56 4.52
CA ILE B 117 9.22 -13.67 5.20
C ILE B 117 9.02 -12.50 6.15
N ALA B 118 10.08 -12.06 6.82
CA ALA B 118 9.98 -10.88 7.65
C ALA B 118 9.68 -9.64 6.83
N LEU B 119 10.36 -9.48 5.69
CA LEU B 119 10.10 -8.33 4.83
C LEU B 119 8.69 -8.37 4.27
N ASP B 120 8.21 -9.55 3.88
CA ASP B 120 6.85 -9.68 3.41
C ASP B 120 5.85 -9.31 4.49
N SER B 121 6.08 -9.76 5.72
CA SER B 121 5.16 -9.44 6.81
C SER B 121 5.13 -7.95 7.11
N ALA B 122 6.30 -7.31 7.12
CA ALA B 122 6.36 -5.88 7.42
C ALA B 122 5.69 -5.06 6.32
N ARG B 123 5.76 -5.52 5.07
CA ARG B 123 5.09 -4.80 3.99
C ARG B 123 3.57 -4.80 4.19
N GLY B 124 3.02 -5.92 4.65
CA GLY B 124 1.58 -5.98 4.89
C GLY B 124 1.15 -5.05 6.01
N LEU B 125 1.91 -5.02 7.11
CA LEU B 125 1.55 -4.15 8.22
C LEU B 125 1.74 -2.69 7.86
N GLU B 126 2.79 -2.37 7.10
CA GLU B 126 2.98 -0.99 6.65
C GLU B 126 1.79 -0.52 5.81
N TYR B 127 1.29 -1.38 4.93
CA TYR B 127 0.10 -1.05 4.17
C TYR B 127 -1.10 -0.83 5.10
N ILE B 128 -1.22 -1.66 6.14
CA ILE B 128 -2.32 -1.52 7.09
C ILE B 128 -2.28 -0.15 7.74
N HIS B 129 -1.09 0.30 8.16
CA HIS B 129 -0.96 1.54 8.90
C HIS B 129 -1.03 2.79 8.02
N GLU B 130 -0.84 2.65 6.70
CA GLU B 130 -0.69 3.83 5.84
C GLU B 130 -1.67 3.89 4.69
N HIS B 131 -2.54 2.90 4.50
CA HIS B 131 -3.42 2.91 3.34
C HIS B 131 -4.61 3.84 3.52
N THR B 132 -5.06 4.05 4.76
CA THR B 132 -6.24 4.86 5.02
C THR B 132 -5.99 5.77 6.21
N VAL B 133 -6.92 6.69 6.44
CA VAL B 133 -6.89 7.61 7.56
C VAL B 133 -8.27 7.66 8.20
N PRO B 134 -8.40 7.50 9.53
CA PRO B 134 -7.35 7.31 10.54
C PRO B 134 -6.60 5.99 10.40
N VAL B 135 -5.44 5.88 11.05
CA VAL B 135 -4.60 4.69 10.93
C VAL B 135 -5.33 3.49 11.54
N TYR B 136 -5.28 2.36 10.83
CA TYR B 136 -5.83 1.11 11.33
C TYR B 136 -4.72 0.19 11.82
N ILE B 137 -5.05 -0.63 12.80
CA ILE B 137 -4.08 -1.44 13.53
C ILE B 137 -4.52 -2.90 13.46
N HIS B 138 -3.56 -3.80 13.27
CA HIS B 138 -3.86 -5.23 13.29
C HIS B 138 -4.21 -5.69 14.70
N ARG B 139 -3.43 -5.27 15.68
CA ARG B 139 -3.65 -5.50 17.11
C ARG B 139 -3.59 -6.96 17.52
N ASP B 140 -3.09 -7.85 16.66
CA ASP B 140 -2.88 -9.24 17.04
C ASP B 140 -1.82 -9.87 16.15
N VAL B 141 -0.70 -9.17 15.99
CA VAL B 141 0.40 -9.67 15.17
C VAL B 141 1.13 -10.76 15.96
N LYS B 142 1.32 -11.91 15.32
CA LYS B 142 2.02 -13.04 15.95
C LYS B 142 2.42 -14.01 14.85
N SER B 143 3.31 -14.95 15.22
CA SER B 143 3.80 -15.92 14.25
C SER B 143 2.68 -16.82 13.73
N ALA B 144 1.60 -16.98 14.47
CA ALA B 144 0.45 -17.75 14.00
C ALA B 144 -0.43 -16.97 13.02
N ASN B 145 -0.16 -15.68 12.82
CA ASN B 145 -0.89 -14.86 11.86
C ASN B 145 -0.07 -14.52 10.63
N ILE B 146 1.01 -15.26 10.38
CA ILE B 146 1.86 -15.05 9.22
C ILE B 146 1.89 -16.37 8.46
N LEU B 147 1.11 -16.45 7.38
CA LEU B 147 0.98 -17.67 6.61
C LEU B 147 2.06 -17.75 5.53
N ILE B 148 2.51 -18.97 5.28
CA ILE B 148 3.61 -19.24 4.35
C ILE B 148 3.05 -19.98 3.15
N ASP B 149 3.27 -19.45 1.96
CA ASP B 149 2.79 -20.09 0.73
C ASP B 149 3.82 -21.10 0.24
N LYS B 150 3.60 -21.64 -0.96
CA LYS B 150 4.49 -22.65 -1.51
C LYS B 150 5.83 -22.07 -1.96
N ASN B 151 5.96 -20.75 -2.05
CA ASN B 151 7.22 -20.11 -2.40
C ASN B 151 7.96 -19.60 -1.17
N LEU B 152 7.52 -19.99 0.03
CA LEU B 152 8.14 -19.55 1.28
C LEU B 152 8.10 -18.02 1.41
N ARG B 153 6.92 -17.45 1.14
CA ARG B 153 6.68 -16.03 1.28
C ARG B 153 5.50 -15.80 2.21
N GLY B 154 5.55 -14.70 2.96
CA GLY B 154 4.65 -14.48 4.08
C GLY B 154 3.47 -13.59 3.72
N LYS B 155 2.33 -13.90 4.33
CA LYS B 155 1.12 -13.09 4.23
C LYS B 155 0.54 -12.89 5.63
N VAL B 156 0.18 -11.65 5.95
CA VAL B 156 -0.42 -11.35 7.25
C VAL B 156 -1.88 -11.79 7.25
N ALA B 157 -2.27 -12.52 8.28
CA ALA B 157 -3.61 -13.08 8.37
C ALA B 157 -4.41 -12.43 9.49
N ASN B 158 -5.74 -12.61 9.41
CA ASN B 158 -6.66 -12.21 10.47
C ASN B 158 -6.55 -10.73 10.80
N PHE B 159 -6.40 -9.90 9.77
CA PHE B 159 -6.29 -8.47 9.98
C PHE B 159 -7.63 -7.88 10.41
N GLY B 160 -7.60 -7.08 11.48
CA GLY B 160 -8.76 -6.33 11.90
C GLY B 160 -9.82 -7.11 12.64
N LEU B 161 -9.53 -8.35 13.07
CA LEU B 161 -10.50 -9.09 13.86
C LEU B 161 -10.70 -8.47 15.24
N THR B 162 -9.71 -7.73 15.74
CA THR B 162 -9.84 -7.10 17.05
C THR B 162 -10.91 -6.01 17.02
N LYS B 163 -10.83 -5.09 16.06
CA LYS B 163 -11.79 -3.99 16.00
C LYS B 163 -13.20 -4.51 15.72
N LEU B 164 -13.33 -5.57 14.93
CA LEU B 164 -14.65 -6.13 14.66
C LEU B 164 -15.29 -6.71 15.92
N ILE B 165 -14.48 -7.28 16.81
CA ILE B 165 -15.02 -7.84 18.04
C ILE B 165 -15.46 -6.73 18.99
N GLU B 166 -14.66 -5.66 19.10
CA GLU B 166 -14.96 -4.61 20.06
C GLU B 166 -16.17 -3.79 19.65
N VAL B 167 -16.19 -3.28 18.42
CA VAL B 167 -17.30 -2.45 17.97
C VAL B 167 -18.57 -3.25 17.76
N GLY B 168 -18.51 -4.58 17.79
CA GLY B 168 -19.68 -5.40 17.60
C GLY B 168 -20.24 -5.95 18.90
N ASN B 169 -19.37 -6.25 19.86
CA ASN B 169 -19.80 -6.79 21.14
C ASN B 169 -20.01 -5.69 22.18
N SER B 170 -19.01 -4.85 22.40
CA SER B 170 -19.10 -3.77 23.38
C SER B 170 -20.11 -2.72 22.95
N VAL B 177 -8.06 -8.96 24.53
CA VAL B 177 -7.54 -8.78 23.18
C VAL B 177 -6.01 -8.77 23.20
N GLY B 178 -5.41 -9.57 22.34
CA GLY B 178 -3.97 -9.70 22.26
C GLY B 178 -3.50 -11.07 22.73
N THR B 179 -2.31 -11.43 22.29
CA THR B 179 -1.71 -12.72 22.63
C THR B 179 -0.55 -12.49 23.59
N PHE B 180 -0.48 -13.34 24.62
CA PHE B 180 0.59 -13.25 25.60
C PHE B 180 1.95 -13.36 24.93
N GLY B 181 2.87 -12.47 25.30
CA GLY B 181 4.17 -12.40 24.70
C GLY B 181 4.29 -11.45 23.53
N TYR B 182 3.17 -11.02 22.96
CA TYR B 182 3.16 -10.08 21.85
C TYR B 182 2.60 -8.72 22.24
N MET B 183 2.16 -8.55 23.47
CA MET B 183 1.54 -7.29 23.87
C MET B 183 2.57 -6.36 24.48
N PRO B 184 2.70 -5.12 24.00
CA PRO B 184 3.63 -4.17 24.59
C PRO B 184 3.18 -3.80 26.00
N PRO B 185 4.10 -3.28 26.83
CA PRO B 185 3.73 -3.00 28.23
C PRO B 185 2.61 -1.99 28.37
N GLU B 186 2.59 -0.94 27.54
CA GLU B 186 1.59 0.11 27.71
C GLU B 186 0.19 -0.36 27.32
N TYR B 187 0.08 -1.45 26.55
CA TYR B 187 -1.22 -1.97 26.18
C TYR B 187 -1.71 -3.04 27.14
N ALA B 188 -0.82 -3.97 27.51
CA ALA B 188 -1.22 -5.05 28.40
C ALA B 188 -1.65 -4.52 29.76
N GLN B 189 -0.97 -3.49 30.26
CA GLN B 189 -1.26 -2.97 31.59
C GLN B 189 -2.27 -1.83 31.58
N TYR B 190 -2.36 -1.09 30.49
CA TYR B 190 -3.18 0.12 30.47
C TYR B 190 -4.13 0.23 29.29
N GLY B 191 -4.06 -0.68 28.31
CA GLY B 191 -4.96 -0.60 27.18
C GLY B 191 -4.65 0.49 26.17
N ASP B 192 -3.45 1.08 26.23
CA ASP B 192 -3.07 2.08 25.24
C ASP B 192 -2.97 1.46 23.86
N VAL B 193 -3.77 1.96 22.93
CA VAL B 193 -3.84 1.43 21.58
C VAL B 193 -3.16 2.42 20.64
N SER B 194 -2.21 1.94 19.86
CA SER B 194 -1.50 2.73 18.87
C SER B 194 -0.79 1.78 17.92
N PRO B 195 -0.41 2.24 16.72
CA PRO B 195 0.31 1.35 15.78
C PRO B 195 1.57 0.73 16.36
N LYS B 196 2.12 1.30 17.43
CA LYS B 196 3.30 0.70 18.06
C LYS B 196 3.00 -0.67 18.63
N ILE B 197 1.73 -1.00 18.86
CA ILE B 197 1.37 -2.37 19.26
C ILE B 197 1.82 -3.36 18.20
N ASP B 198 1.48 -3.09 16.93
CA ASP B 198 1.91 -3.95 15.84
C ASP B 198 3.44 -3.97 15.73
N VAL B 199 4.08 -2.81 15.90
CA VAL B 199 5.54 -2.75 15.84
C VAL B 199 6.16 -3.62 16.92
N TYR B 200 5.63 -3.54 18.14
CA TYR B 200 6.16 -4.36 19.23
C TYR B 200 6.00 -5.84 18.92
N ALA B 201 4.79 -6.25 18.56
CA ALA B 201 4.55 -7.66 18.27
C ALA B 201 5.37 -8.14 17.09
N PHE B 202 5.64 -7.27 16.11
CA PHE B 202 6.48 -7.66 14.99
C PHE B 202 7.92 -7.89 15.42
N GLY B 203 8.41 -7.10 16.37
CA GLY B 203 9.75 -7.33 16.89
C GLY B 203 9.91 -8.70 17.51
N VAL B 204 8.88 -9.16 18.23
CA VAL B 204 8.88 -10.52 18.77
C VAL B 204 8.91 -11.55 17.66
N VAL B 205 8.25 -11.26 16.53
CA VAL B 205 8.29 -12.17 15.39
C VAL B 205 9.72 -12.27 14.84
N LEU B 206 10.42 -11.14 14.77
CA LEU B 206 11.83 -11.18 14.38
C LEU B 206 12.63 -12.05 15.35
N TYR B 207 12.34 -11.93 16.65
CA TYR B 207 12.99 -12.77 17.64
C TYR B 207 12.71 -14.25 17.38
N GLU B 208 11.46 -14.57 17.05
CA GLU B 208 11.11 -15.97 16.76
C GLU B 208 11.87 -16.47 15.53
N LEU B 209 11.92 -15.66 14.47
CA LEU B 209 12.64 -16.05 13.27
C LEU B 209 14.11 -16.34 13.57
N ILE B 210 14.72 -15.54 14.43
CA ILE B 210 16.12 -15.75 14.78
C ILE B 210 16.28 -17.02 15.60
N THR B 211 15.39 -17.24 16.58
CA THR B 211 15.59 -18.27 17.59
C THR B 211 14.74 -19.51 17.40
N ALA B 212 13.63 -19.42 16.67
CA ALA B 212 12.64 -20.50 16.57
C ALA B 212 12.11 -20.89 17.95
N LYS B 213 12.13 -19.95 18.88
CA LYS B 213 11.54 -20.13 20.21
C LYS B 213 10.23 -19.36 20.29
N ASN B 214 9.32 -19.86 21.12
CA ASN B 214 8.02 -19.24 21.25
C ASN B 214 8.12 -17.88 21.95
N ALA B 215 7.09 -17.05 21.74
CA ALA B 215 7.05 -15.75 22.40
C ALA B 215 6.96 -15.91 23.91
N VAL B 216 6.27 -16.94 24.39
CA VAL B 216 6.30 -17.33 25.79
C VAL B 216 7.09 -18.62 25.86
N LEU B 217 8.29 -18.55 26.45
CA LEU B 217 9.20 -19.68 26.46
C LEU B 217 8.61 -20.84 27.26
N LYS B 218 9.07 -22.04 26.94
CA LYS B 218 8.59 -23.26 27.58
C LYS B 218 9.19 -23.39 28.98
N THR B 219 8.32 -23.66 29.95
CA THR B 219 8.71 -23.85 31.35
C THR B 219 9.52 -22.68 31.88
N VAL B 223 7.73 -24.84 36.98
CA VAL B 223 8.12 -23.44 37.01
C VAL B 223 6.91 -22.56 37.34
N ALA B 224 5.87 -22.68 36.52
CA ALA B 224 4.62 -21.93 36.65
C ALA B 224 4.82 -20.44 36.40
N GLU B 225 6.07 -20.00 36.24
CA GLU B 225 6.39 -18.62 35.94
C GLU B 225 6.69 -18.49 34.45
N SER B 226 5.95 -17.63 33.77
CA SER B 226 6.11 -17.45 32.33
C SER B 226 7.20 -16.42 32.06
N LYS B 227 8.18 -16.80 31.25
CA LYS B 227 9.24 -15.90 30.82
C LYS B 227 9.03 -15.54 29.37
N GLY B 228 9.34 -14.29 29.02
CA GLY B 228 9.14 -13.81 27.67
C GLY B 228 10.39 -13.92 26.82
N LEU B 229 10.18 -14.07 25.51
CA LEU B 229 11.29 -14.09 24.57
C LEU B 229 11.97 -12.73 24.49
N VAL B 230 11.23 -11.66 24.72
CA VAL B 230 11.82 -10.32 24.75
C VAL B 230 12.86 -10.22 25.86
N GLN B 231 12.50 -10.71 27.06
CA GLN B 231 13.45 -10.71 28.16
C GLN B 231 14.67 -11.58 27.86
N LEU B 232 14.49 -12.63 27.07
CA LEU B 232 15.61 -13.51 26.74
C LEU B 232 16.65 -12.80 25.90
N PHE B 233 16.22 -11.91 25.00
CA PHE B 233 17.17 -11.13 24.20
C PHE B 233 17.81 -10.02 25.02
N GLU B 234 17.11 -9.49 26.02
CA GLU B 234 17.70 -8.48 26.89
C GLU B 234 18.90 -9.04 27.65
N GLU B 235 18.83 -10.30 28.06
CA GLU B 235 19.91 -10.91 28.82
C GLU B 235 21.07 -11.35 27.91
N ALA B 236 20.77 -11.70 26.66
CA ALA B 236 21.82 -12.19 25.76
C ALA B 236 22.73 -11.06 25.32
N LEU B 237 22.16 -9.95 24.85
CA LEU B 237 22.96 -8.83 24.39
C LEU B 237 23.61 -8.05 25.52
N HIS B 238 23.35 -8.40 26.77
CA HIS B 238 23.97 -7.74 27.91
C HIS B 238 25.03 -8.64 28.54
N ARG B 239 25.94 -9.17 27.74
CA ARG B 239 27.03 -10.00 28.23
C ARG B 239 28.32 -9.61 27.53
N MET B 240 29.44 -10.08 28.09
CA MET B 240 30.79 -9.72 27.65
C MET B 240 30.94 -9.73 26.13
N ASP B 241 30.27 -10.66 25.46
CA ASP B 241 30.28 -10.75 24.00
C ASP B 241 28.85 -10.75 23.48
N PRO B 242 28.33 -9.61 23.03
CA PRO B 242 26.98 -9.60 22.44
C PRO B 242 26.86 -10.47 21.20
N LEU B 243 27.96 -10.80 20.54
CA LEU B 243 27.92 -11.70 19.39
C LEU B 243 27.85 -13.16 19.83
N GLU B 244 28.64 -13.53 20.83
CA GLU B 244 28.58 -14.90 21.35
C GLU B 244 27.23 -15.18 22.02
N GLY B 245 26.72 -14.20 22.78
CA GLY B 245 25.42 -14.35 23.39
C GLY B 245 24.30 -14.44 22.37
N LEU B 246 24.54 -14.03 21.13
CA LEU B 246 23.56 -14.13 20.07
C LEU B 246 23.62 -15.47 19.35
N ARG B 247 24.83 -16.00 19.13
CA ARG B 247 24.97 -17.30 18.49
C ARG B 247 24.41 -18.43 19.34
N LYS B 248 24.33 -18.24 20.66
CA LYS B 248 23.67 -19.22 21.50
C LYS B 248 22.16 -19.21 21.27
N LEU B 249 21.60 -18.06 20.87
CA LEU B 249 20.17 -17.95 20.66
C LEU B 249 19.73 -18.35 19.26
N VAL B 250 20.65 -18.35 18.27
CA VAL B 250 20.26 -18.69 16.91
C VAL B 250 19.77 -20.12 16.84
N ASP B 251 18.72 -20.33 16.06
CA ASP B 251 18.08 -21.63 15.88
C ASP B 251 19.14 -22.70 15.57
N PRO B 252 19.24 -23.75 16.39
CA PRO B 252 20.22 -24.82 16.10
C PRO B 252 19.99 -25.50 14.75
N ARG B 253 18.77 -25.45 14.21
CA ARG B 253 18.52 -26.03 12.90
C ARG B 253 19.27 -25.30 11.78
N LEU B 254 19.67 -24.05 12.02
CA LEU B 254 20.40 -23.29 11.02
C LEU B 254 21.89 -23.63 10.99
N LYS B 255 22.41 -24.24 12.06
CA LYS B 255 23.84 -24.59 12.18
C LYS B 255 24.64 -23.30 12.05
N GLU B 256 25.46 -23.13 11.00
CA GLU B 256 26.18 -21.89 10.76
C GLU B 256 25.78 -21.25 9.43
N ASN B 257 24.66 -21.67 8.86
CA ASN B 257 24.21 -21.19 7.55
C ASN B 257 23.48 -19.85 7.69
N TYR B 258 24.22 -18.85 8.18
CA TYR B 258 23.68 -17.52 8.36
C TYR B 258 24.83 -16.53 8.48
N PRO B 259 24.67 -15.31 7.96
CA PRO B 259 25.65 -14.26 8.24
C PRO B 259 25.41 -13.67 9.62
N ILE B 260 26.46 -13.68 10.45
CA ILE B 260 26.32 -13.19 11.83
C ILE B 260 25.96 -11.70 11.84
N ASP B 261 26.51 -10.94 10.89
CA ASP B 261 26.18 -9.52 10.81
C ASP B 261 24.73 -9.32 10.35
N SER B 262 24.20 -10.26 9.55
CA SER B 262 22.80 -10.16 9.16
C SER B 262 21.88 -10.50 10.33
N VAL B 263 22.22 -11.53 11.10
CA VAL B 263 21.42 -11.88 12.27
C VAL B 263 21.55 -10.83 13.35
N LEU B 264 22.75 -10.23 13.49
CA LEU B 264 22.93 -9.16 14.45
C LEU B 264 22.05 -7.96 14.13
N LYS B 265 21.94 -7.63 12.84
CA LYS B 265 21.15 -6.46 12.45
C LYS B 265 19.67 -6.67 12.70
N MET B 266 19.18 -7.89 12.52
CA MET B 266 17.77 -8.16 12.78
C MET B 266 17.48 -8.16 14.28
N ALA B 267 18.40 -8.68 15.09
CA ALA B 267 18.22 -8.65 16.53
C ALA B 267 18.19 -7.21 17.05
N GLN B 268 19.10 -6.37 16.55
CA GLN B 268 19.05 -4.95 16.88
C GLN B 268 17.74 -4.32 16.43
N LEU B 269 17.19 -4.80 15.30
CA LEU B 269 15.90 -4.30 14.84
C LEU B 269 14.77 -4.77 15.75
N GLY B 270 14.85 -6.02 16.22
CA GLY B 270 13.89 -6.49 17.20
C GLY B 270 14.01 -5.78 18.54
N ARG B 271 15.24 -5.39 18.91
CA ARG B 271 15.43 -4.62 20.14
C ARG B 271 14.70 -3.29 20.07
N ALA B 272 14.87 -2.55 18.97
CA ALA B 272 14.21 -1.26 18.84
C ALA B 272 12.70 -1.41 18.76
N CYS B 273 12.22 -2.47 18.10
CA CYS B 273 10.78 -2.68 17.98
C CYS B 273 10.12 -2.95 19.32
N THR B 274 10.83 -3.62 20.24
CA THR B 274 10.25 -4.06 21.50
C THR B 274 10.67 -3.17 22.67
N ARG B 275 10.99 -1.90 22.40
CA ARG B 275 11.30 -0.97 23.48
C ARG B 275 10.05 -0.69 24.32
N ASP B 276 10.27 -0.36 25.60
CA ASP B 276 9.16 -0.14 26.50
C ASP B 276 8.37 1.11 26.10
N ASN B 277 9.06 2.23 25.90
CA ASN B 277 8.39 3.45 25.45
C ASN B 277 8.00 3.29 23.99
N PRO B 278 6.70 3.32 23.65
CA PRO B 278 6.31 3.14 22.25
C PRO B 278 6.78 4.24 21.32
N LEU B 279 7.03 5.45 21.84
CA LEU B 279 7.51 6.53 21.00
C LEU B 279 8.91 6.24 20.45
N LEU B 280 9.73 5.52 21.22
CA LEU B 280 11.07 5.17 20.79
C LEU B 280 11.10 3.97 19.84
N ARG B 281 9.94 3.40 19.52
CA ARG B 281 9.88 2.30 18.57
C ARG B 281 9.80 2.86 17.14
N PRO B 282 10.43 2.19 16.18
CA PRO B 282 10.38 2.66 14.79
C PRO B 282 9.04 2.35 14.16
N SER B 283 8.80 3.02 13.03
CA SER B 283 7.58 2.79 12.27
C SER B 283 7.74 1.57 11.37
N MET B 284 6.60 1.04 10.91
CA MET B 284 6.64 -0.09 9.99
C MET B 284 7.36 0.27 8.71
N ARG B 285 7.28 1.53 8.27
CA ARG B 285 8.04 1.96 7.11
C ARG B 285 9.54 1.90 7.38
N SER B 286 9.98 2.35 8.55
CA SER B 286 11.40 2.25 8.90
C SER B 286 11.86 0.81 8.99
N ILE B 287 10.95 -0.10 9.37
CA ILE B 287 11.30 -1.51 9.47
C ILE B 287 11.52 -2.10 8.07
N VAL B 288 10.69 -1.70 7.11
CA VAL B 288 10.82 -2.24 5.76
C VAL B 288 12.16 -1.85 5.15
N VAL B 289 12.52 -0.56 5.26
CA VAL B 289 13.79 -0.10 4.71
C VAL B 289 14.96 -0.81 5.39
N ALA B 290 14.83 -1.09 6.69
CA ALA B 290 15.89 -1.79 7.40
C ALA B 290 16.00 -3.24 6.95
N LEU B 291 14.87 -3.90 6.73
CA LEU B 291 14.89 -5.30 6.32
C LEU B 291 15.40 -5.47 4.89
N MET B 292 15.18 -4.48 4.02
CA MET B 292 15.65 -4.59 2.65
C MET B 292 17.17 -4.56 2.56
N THR B 293 17.84 -3.95 3.54
CA THR B 293 19.30 -3.92 3.53
C THR B 293 19.90 -5.28 3.85
N LEU B 294 19.10 -6.22 4.37
CA LEU B 294 19.56 -7.56 4.72
C LEU B 294 19.17 -8.60 3.68
N SER B 295 18.28 -8.27 2.76
CA SER B 295 17.79 -9.22 1.77
C SER B 295 18.55 -9.10 0.45
#